data_9DID
#
_entry.id   9DID
#
_cell.length_a   43.856
_cell.length_b   68.471
_cell.length_c   210.102
_cell.angle_alpha   90.00
_cell.angle_beta   90.00
_cell.angle_gamma   90.00
#
_symmetry.space_group_name_H-M   'P 21 21 21'
#
loop_
_entity.id
_entity.type
_entity.pdbx_description
1 polymer 'frameshifting pseudoknot RNA'
2 non-polymer 'IRIDIUM HEXAMMINE ION'
3 non-polymer 'POTASSIUM ION'
4 non-polymer TRIS(HYDROXYETHYL)AMINOMETHANE
5 water water
#
_entity_poly.entity_id   1
_entity_poly.type   'polyribonucleotide'
_entity_poly.pdbx_seq_one_letter_code
;GGGCCACUGUUCUCACUGUUGCGCUACAUCUGGCUAUUCGGAAAUGGAAGCCAGACCACACGAAAGUGUGGAUUGACCAG
UGGCCCCUCCCUGAAGGUAAACUUGUAGCGC
;
_entity_poly.pdbx_strand_id   A,B
#
loop_
_chem_comp.id
_chem_comp.type
_chem_comp.name
_chem_comp.formula
A RNA linking ADENOSINE-5'-MONOPHOSPHATE 'C10 H14 N5 O7 P'
C RNA linking CYTIDINE-5'-MONOPHOSPHATE 'C9 H14 N3 O8 P'
G RNA linking GUANOSINE-5'-MONOPHOSPHATE 'C10 H14 N5 O8 P'
IRI non-polymer 'IRIDIUM HEXAMMINE ION' 'H18 Ir N6 3'
K non-polymer 'POTASSIUM ION' 'K 1'
TAM non-polymer TRIS(HYDROXYETHYL)AMINOMETHANE 'C7 H17 N O3'
U RNA linking URIDINE-5'-MONOPHOSPHATE 'C9 H13 N2 O9 P'
#
# COMPACT_ATOMS: atom_id res chain seq x y z
IR IRI C . -32.15 9.87 5.18
N1 IRI C . -31.18 11.57 4.08
N2 IRI C . -30.57 9.96 6.77
N3 IRI C . -33.14 8.16 6.27
N4 IRI C . -33.71 9.74 3.57
N5 IRI C . -33.40 11.31 6.38
N6 IRI C . -30.92 8.44 3.97
IR IRI D . -39.81 12.09 12.79
N1 IRI D . -40.29 11.90 10.61
N2 IRI D . -37.67 12.61 12.29
N3 IRI D . -39.36 12.26 15.00
N4 IRI D . -41.96 11.61 13.25
N5 IRI D . -40.27 14.30 12.76
N6 IRI D . -39.34 9.90 12.86
IR IRI E . -51.56 -2.67 4.42
N1 IRI E . -51.94 -3.41 2.33
N2 IRI E . -49.65 -1.70 3.69
N3 IRI E . -51.11 -1.96 6.51
N4 IRI E . -53.47 -3.61 5.16
N5 IRI E . -52.68 -0.77 3.98
N6 IRI E . -50.46 -4.58 4.86
IR IRI F . -30.53 -0.60 -5.37
N1 IRI F . -30.40 -0.40 -7.61
N2 IRI F . -28.52 -1.61 -5.29
N3 IRI F . -30.66 -0.82 -3.13
N4 IRI F . -32.55 0.39 -5.43
N5 IRI F . -29.58 1.43 -5.24
N6 IRI F . -31.48 -2.64 -5.59
IR IRI G . -40.14 -3.08 3.08
N1 IRI G . -38.11 -3.46 2.18
N2 IRI G . -39.24 -2.37 5.02
N3 IRI G . -42.18 -2.68 3.96
N4 IRI G . -41.10 -3.77 1.17
N5 IRI G . -40.10 -0.98 2.30
N6 IRI G . -40.26 -5.18 3.86
IR IRI H . -22.36 17.04 5.13
N1 IRI H . -22.77 18.51 3.47
N2 IRI H . -23.20 18.51 6.62
N3 IRI H . -21.93 15.58 6.79
N4 IRI H . -21.52 15.57 3.65
N5 IRI H . -24.41 16.15 4.85
N6 IRI H . -20.31 17.92 5.41
IR IRI I . -14.24 18.99 9.45
N1 IRI I . -14.55 16.77 9.75
N2 IRI I . -14.56 19.32 11.66
N3 IRI I . -13.93 21.19 9.15
N4 IRI I . -13.92 18.63 7.25
N5 IRI I . -12.04 18.73 9.83
N6 IRI I . -16.45 19.24 9.08
K K J . -19.32 -0.16 0.27
C TAM K . -40.62 -1.15 9.29
C1 TAM K . -41.68 -0.54 10.20
C2 TAM K . -40.54 -2.68 9.44
C3 TAM K . -40.87 -0.72 7.84
C4 TAM K . -41.11 0.59 11.06
C5 TAM K . -39.12 -3.19 9.71
C6 TAM K . -42.25 -1.11 7.32
N TAM K . -39.33 -0.60 9.71
O4 TAM K . -40.49 1.59 10.25
O5 TAM K . -39.11 -4.14 10.78
O6 TAM K . -42.15 -2.38 6.66
IR IRI L . 31.52 -16.50 -13.65
N1 IRI L . 31.45 -15.87 -15.80
N2 IRI L . 33.30 -15.16 -13.24
N3 IRI L . 31.55 -17.27 -11.53
N4 IRI L . 29.66 -17.72 -14.00
N5 IRI L . 30.29 -14.69 -13.03
N6 IRI L . 32.72 -18.29 -14.31
IR IRI M . 0.59 -9.87 -5.78
N1 IRI M . -0.56 -11.36 -4.55
N2 IRI M . 0.86 -8.57 -3.96
N3 IRI M . 1.73 -8.39 -7.03
N4 IRI M . 0.33 -11.16 -7.60
N5 IRI M . 2.49 -10.95 -5.26
N6 IRI M . -1.31 -8.77 -6.30
IR IRI N . 63.69 -3.16 -7.40
N1 IRI N . 62.21 -4.73 -8.06
N2 IRI N . 62.24 -2.36 -5.87
N3 IRI N . 65.17 -1.60 -6.75
N4 IRI N . 65.14 -3.99 -8.91
N5 IRI N . 64.49 -4.56 -5.83
N6 IRI N . 62.88 -1.75 -8.95
IR IRI O . 52.20 -1.15 -3.00
N1 IRI O . 52.14 -2.70 -4.63
N2 IRI O . 51.19 -2.63 -1.63
N3 IRI O . 52.32 0.38 -1.36
N4 IRI O . 53.17 0.31 -4.42
N5 IRI O . 54.20 -1.97 -2.37
N6 IRI O . 50.20 -0.33 -3.61
IR IRI P . 17.20 -16.78 -4.88
N1 IRI P . 17.24 -16.28 -7.08
N2 IRI P . 19.41 -17.24 -4.83
N3 IRI P . 17.09 -17.31 -2.69
N4 IRI P . 15.01 -16.26 -4.91
N5 IRI P . 17.57 -14.64 -4.34
N6 IRI P . 16.82 -18.93 -5.40
IR IRI Q . 35.54 6.94 2.03
IR IRI Q . 32.99 3.87 -0.03
N1 IRI Q . 36.59 6.59 0.08
N1 IRI Q . 32.57 3.46 -2.19
N2 IRI Q . 35.96 4.80 2.56
N2 IRI Q . 32.56 1.74 0.58
N3 IRI Q . 34.45 7.22 3.99
N3 IRI Q . 33.45 4.34 2.12
N4 IRI Q . 35.12 9.09 1.51
N4 IRI Q . 33.38 5.99 -0.67
N5 IRI Q . 37.50 7.55 3.00
N5 IRI Q . 35.18 3.39 -0.25
N6 IRI Q . 33.56 6.36 1.11
N6 IRI Q . 30.80 4.32 0.28
IR IRI R . 50.56 -13.13 -11.87
N1 IRI R . 51.10 -15.13 -12.74
N2 IRI R . 49.45 -14.18 -10.22
N3 IRI R . 50.03 -11.12 -10.99
N4 IRI R . 51.63 -12.01 -13.50
N5 IRI R . 52.45 -13.20 -10.65
N6 IRI R . 48.66 -13.11 -13.08
K K S . 20.80 1.83 1.86
K K T . 11.34 20.41 -24.64
K K U . 41.71 -8.55 -13.22
K K V . 18.66 -12.10 2.59
#